data_4WRB
#
_entry.id   4WRB
#
_cell.length_a   67.294
_cell.length_b   67.896
_cell.length_c   89.633
_cell.angle_alpha   90.00
_cell.angle_beta   90.00
_cell.angle_gamma   90.00
#
_symmetry.space_group_name_H-M   'P 21 21 21'
#
loop_
_entity.id
_entity.type
_entity.pdbx_description
1 polymer 'Macrophage migration inhibitory factor'
2 non-polymer 4-{4-[6-(2-methoxyethoxy)quinolin-2-yl]-1H-1,2,3-triazol-1-yl}phenol
3 non-polymer 'SULFATE ION'
4 non-polymer 'ISOPROPYL ALCOHOL'
5 non-polymer GLYCEROL
6 water water
#
_entity_poly.entity_id   1
_entity_poly.type   'polypeptide(L)'
_entity_poly.pdbx_seq_one_letter_code
;PMFIVNTNVPRASVPDGFLSELTQQLAQATGKPPQYIAVHVVPDQLMAFGGSSEPCALCSLHSIGKIGGAQNRSYSKLLC
GLLAERLRISPDRVYINYYDMNAANVGWNNSTFA
;
_entity_poly.pdbx_strand_id   A,B,C
#
# COMPACT_ATOMS: atom_id res chain seq x y z
N PRO A 1 10.87 9.73 -5.45
CA PRO A 1 10.57 8.39 -5.02
C PRO A 1 9.73 8.33 -3.74
N MET A 2 9.13 7.18 -3.49
CA MET A 2 8.34 6.94 -2.29
C MET A 2 8.77 5.60 -1.64
N PHE A 3 9.25 5.66 -0.39
CA PHE A 3 9.61 4.48 0.36
C PHE A 3 8.70 4.33 1.59
N ILE A 4 8.10 3.16 1.75
CA ILE A 4 7.21 2.90 2.86
C ILE A 4 7.66 1.62 3.57
N VAL A 5 7.68 1.64 4.91
CA VAL A 5 7.95 0.45 5.68
C VAL A 5 6.87 0.26 6.71
N ASN A 6 6.23 -0.89 6.67
CA ASN A 6 5.28 -1.37 7.63
C ASN A 6 5.97 -2.43 8.50
N THR A 7 5.85 -2.32 9.82
CA THR A 7 6.52 -3.25 10.69
C THR A 7 5.77 -3.44 11.98
N ASN A 8 5.98 -4.60 12.59
CA ASN A 8 5.42 -4.91 13.90
C ASN A 8 6.31 -4.38 15.06
N VAL A 9 7.45 -3.81 14.72
CA VAL A 9 8.29 -3.19 15.73
C VAL A 9 7.52 -2.00 16.35
N PRO A 10 7.58 -1.85 17.69
CA PRO A 10 6.92 -0.73 18.37
C PRO A 10 7.46 0.63 18.00
N ARG A 11 6.60 1.64 18.06
CA ARG A 11 6.99 3.00 17.73
C ARG A 11 8.20 3.45 18.52
N ALA A 12 8.25 3.08 19.80
CA ALA A 12 9.33 3.54 20.67
C ALA A 12 10.69 3.00 20.21
N SER A 13 10.69 1.90 19.46
CA SER A 13 11.94 1.33 18.93
C SER A 13 12.42 1.95 17.64
N VAL A 14 11.65 2.88 17.08
CA VAL A 14 12.10 3.64 15.93
C VAL A 14 12.95 4.82 16.40
N PRO A 15 14.25 4.83 16.07
CA PRO A 15 15.08 5.87 16.67
C PRO A 15 14.91 7.23 16.04
N ASP A 16 15.22 8.28 16.81
CA ASP A 16 15.35 9.62 16.26
C ASP A 16 16.29 9.60 15.07
N GLY A 17 15.87 10.32 14.02
CA GLY A 17 16.68 10.51 12.85
C GLY A 17 16.42 9.51 11.75
N PHE A 18 15.51 8.57 11.99
CA PHE A 18 15.32 7.42 11.07
C PHE A 18 14.77 7.86 9.74
N LEU A 19 13.73 8.70 9.73
CA LEU A 19 13.22 9.20 8.45
C LEU A 19 14.26 10.03 7.68
N SER A 20 15.06 10.80 8.39
CA SER A 20 16.09 11.57 7.76
C SER A 20 17.15 10.69 7.15
N GLU A 21 17.50 9.63 7.84
CA GLU A 21 18.53 8.69 7.37
C GLU A 21 18.03 7.97 6.15
N LEU A 22 16.78 7.50 6.21
CA LEU A 22 16.18 6.93 5.02
C LEU A 22 16.21 7.87 3.82
N THR A 23 15.87 9.15 4.03
CA THR A 23 15.76 10.13 2.96
C THR A 23 17.14 10.30 2.31
N GLN A 24 18.15 10.48 3.16
CA GLN A 24 19.52 10.74 2.73
C GLN A 24 20.09 9.56 1.96
N GLN A 25 19.93 8.38 2.52
CA GLN A 25 20.51 7.15 1.94
C GLN A 25 19.82 6.72 0.66
N LEU A 26 18.51 6.91 0.59
CA LEU A 26 17.82 6.66 -0.66
C LEU A 26 18.24 7.65 -1.75
N ALA A 27 18.50 8.91 -1.37
CA ALA A 27 19.00 9.90 -2.33
C ALA A 27 20.36 9.45 -2.88
N GLN A 28 21.25 9.03 -1.98
CA GLN A 28 22.52 8.39 -2.34
C GLN A 28 22.35 7.23 -3.33
N ALA A 29 21.53 6.28 -2.93
CA ALA A 29 21.39 5.03 -3.67
C ALA A 29 20.70 5.18 -5.02
N THR A 30 19.63 5.98 -5.10
CA THR A 30 18.84 6.10 -6.33
C THR A 30 19.35 7.20 -7.27
N GLY A 31 20.13 8.12 -6.72
CA GLY A 31 20.59 9.29 -7.47
C GLY A 31 19.61 10.44 -7.46
N LYS A 32 18.41 10.20 -6.94
CA LYS A 32 17.32 11.15 -7.02
C LYS A 32 17.57 12.34 -6.09
N PRO A 33 17.02 13.51 -6.43
CA PRO A 33 17.21 14.65 -5.55
C PRO A 33 16.44 14.45 -4.23
N PRO A 34 17.07 14.76 -3.10
CA PRO A 34 16.45 14.44 -1.83
C PRO A 34 15.15 15.16 -1.58
N GLN A 35 14.97 16.34 -2.18
CA GLN A 35 13.75 17.09 -1.99
C GLN A 35 12.50 16.39 -2.62
N TYR A 36 12.71 15.42 -3.51
CA TYR A 36 11.60 14.65 -4.09
C TYR A 36 11.40 13.25 -3.48
N ILE A 37 12.15 12.93 -2.43
CA ILE A 37 12.07 11.63 -1.77
C ILE A 37 11.14 11.72 -0.60
N ALA A 38 10.15 10.82 -0.58
CA ALA A 38 9.20 10.74 0.51
C ALA A 38 9.39 9.41 1.18
N VAL A 39 9.24 9.41 2.50
CA VAL A 39 9.47 8.24 3.32
C VAL A 39 8.37 8.17 4.38
N HIS A 40 8.00 6.94 4.73
CA HIS A 40 6.84 6.64 5.55
C HIS A 40 7.10 5.37 6.37
N VAL A 41 7.02 5.48 7.69
CA VAL A 41 7.29 4.35 8.57
C VAL A 41 6.03 4.08 9.37
N VAL A 42 5.57 2.85 9.35
CA VAL A 42 4.34 2.46 10.03
C VAL A 42 4.65 1.37 11.02
N PRO A 43 4.87 1.74 12.30
CA PRO A 43 5.19 0.77 13.34
C PRO A 43 3.94 0.16 13.99
N ASP A 44 4.16 -0.73 14.94
CA ASP A 44 3.09 -1.34 15.73
C ASP A 44 2.06 -2.15 14.94
N GLN A 45 2.45 -2.67 13.77
CA GLN A 45 1.51 -3.38 12.91
C GLN A 45 1.28 -4.82 13.31
N LEU A 46 0.10 -5.28 12.99
CA LEU A 46 -0.29 -6.65 13.22
C LEU A 46 0.09 -7.44 11.99
N MET A 47 1.21 -8.13 12.06
CA MET A 47 1.70 -8.86 10.90
C MET A 47 2.48 -10.08 11.31
N ALA A 48 2.63 -11.00 10.39
CA ALA A 48 3.43 -12.19 10.58
C ALA A 48 4.20 -12.44 9.28
N PHE A 49 5.34 -13.11 9.39
CA PHE A 49 6.16 -13.47 8.24
C PHE A 49 6.55 -14.93 8.49
N GLY A 50 6.17 -15.80 7.55
CA GLY A 50 6.39 -17.21 7.72
C GLY A 50 5.69 -17.80 8.92
N GLY A 51 4.58 -17.20 9.32
CA GLY A 51 3.74 -17.68 10.42
C GLY A 51 4.17 -17.25 11.82
N SER A 52 5.22 -16.44 11.89
CA SER A 52 5.84 -15.99 13.11
C SER A 52 5.73 -14.47 13.24
N SER A 53 5.53 -13.99 14.47
CA SER A 53 5.40 -12.56 14.76
C SER A 53 6.66 -11.95 15.38
N GLU A 54 7.80 -12.58 15.14
CA GLU A 54 9.07 -11.96 15.44
C GLU A 54 9.14 -10.72 14.54
N PRO A 55 10.02 -9.76 14.90
CA PRO A 55 10.15 -8.55 14.10
C PRO A 55 10.29 -8.86 12.63
N CYS A 56 9.51 -8.13 11.82
CA CYS A 56 9.54 -8.26 10.38
C CYS A 56 9.14 -6.94 9.74
N ALA A 57 9.32 -6.83 8.43
CA ALA A 57 8.94 -5.63 7.67
C ALA A 57 8.44 -5.94 6.26
N LEU A 58 7.38 -5.25 5.86
CA LEU A 58 6.90 -5.24 4.48
C LEU A 58 7.01 -3.82 3.96
N CYS A 59 7.75 -3.66 2.85
CA CYS A 59 8.17 -2.38 2.37
C CYS A 59 7.85 -2.21 0.90
N SER A 60 7.82 -0.96 0.46
N SER A 60 7.77 -0.96 0.46
CA SER A 60 7.67 -0.63 -0.96
CA SER A 60 7.78 -0.70 -0.98
C SER A 60 8.63 0.50 -1.35
C SER A 60 8.67 0.48 -1.34
N LEU A 61 9.20 0.41 -2.55
CA LEU A 61 9.90 1.54 -3.15
C LEU A 61 9.33 1.77 -4.54
N HIS A 62 8.75 2.94 -4.73
CA HIS A 62 8.26 3.41 -6.00
C HIS A 62 9.21 4.50 -6.52
N SER A 63 9.55 4.41 -7.80
CA SER A 63 10.41 5.42 -8.41
C SER A 63 10.14 5.50 -9.89
N ILE A 64 10.25 6.69 -10.49
CA ILE A 64 10.23 6.84 -11.94
C ILE A 64 11.65 6.48 -12.44
N GLY A 65 11.81 5.28 -12.99
CA GLY A 65 13.13 4.77 -13.28
C GLY A 65 13.98 4.52 -12.06
N LYS A 66 15.26 4.24 -12.31
CA LYS A 66 16.23 3.77 -11.30
C LYS A 66 15.84 2.43 -10.65
N ILE A 67 15.01 1.66 -11.33
CA ILE A 67 14.60 0.34 -10.85
C ILE A 67 15.11 -0.69 -11.83
N GLY A 68 15.81 -1.70 -11.34
CA GLY A 68 16.31 -2.74 -12.26
C GLY A 68 17.01 -3.80 -11.48
N GLY A 69 17.52 -4.83 -12.15
CA GLY A 69 18.14 -5.97 -11.47
C GLY A 69 19.20 -5.61 -10.44
N ALA A 70 20.23 -4.91 -10.91
CA ALA A 70 21.38 -4.57 -10.09
C ALA A 70 21.01 -3.49 -9.06
N GLN A 71 20.25 -2.49 -9.48
CA GLN A 71 19.88 -1.37 -8.58
C GLN A 71 19.03 -1.89 -7.41
N ASN A 72 18.06 -2.75 -7.72
CA ASN A 72 17.23 -3.32 -6.68
C ASN A 72 17.99 -4.22 -5.69
N ARG A 73 19.01 -4.97 -6.15
CA ARG A 73 19.85 -5.70 -5.22
C ARG A 73 20.55 -4.72 -4.26
N SER A 74 21.06 -3.63 -4.82
N SER A 74 21.14 -3.66 -4.85
CA SER A 74 21.74 -2.63 -3.98
CA SER A 74 21.82 -2.55 -4.10
C SER A 74 20.79 -1.95 -2.97
C SER A 74 20.85 -1.94 -3.05
N TYR A 75 19.63 -1.57 -3.45
CA TYR A 75 18.60 -1.04 -2.57
C TYR A 75 18.26 -2.02 -1.46
N SER A 76 18.20 -3.31 -1.78
CA SER A 76 17.82 -4.29 -0.77
C SER A 76 18.87 -4.45 0.32
N LYS A 77 20.14 -4.41 -0.10
CA LYS A 77 21.24 -4.50 0.83
C LYS A 77 21.23 -3.27 1.73
N LEU A 78 21.09 -2.10 1.14
CA LEU A 78 21.05 -0.85 1.90
C LEU A 78 19.93 -0.87 2.93
N LEU A 79 18.74 -1.21 2.45
CA LEU A 79 17.53 -1.06 3.23
C LEU A 79 17.41 -2.15 4.27
N CYS A 80 17.71 -3.40 3.91
CA CYS A 80 17.81 -4.43 4.94
C CYS A 80 18.85 -4.09 6.01
N GLY A 81 19.97 -3.52 5.59
CA GLY A 81 21.00 -3.14 6.53
C GLY A 81 20.47 -2.09 7.50
N LEU A 82 19.71 -1.13 6.98
CA LEU A 82 19.16 -0.07 7.81
C LEU A 82 18.12 -0.62 8.79
N LEU A 83 17.25 -1.50 8.30
CA LEU A 83 16.24 -2.09 9.17
C LEU A 83 16.85 -3.00 10.25
N ALA A 84 17.93 -3.70 9.90
CA ALA A 84 18.64 -4.53 10.86
C ALA A 84 19.31 -3.67 11.93
N GLU A 85 20.07 -2.66 11.52
CA GLU A 85 20.81 -1.84 12.48
C GLU A 85 19.87 -0.98 13.35
N ARG A 86 18.89 -0.36 12.71
CA ARG A 86 18.00 0.61 13.39
C ARG A 86 16.79 0.01 14.09
N LEU A 87 16.17 -0.99 13.45
CA LEU A 87 14.96 -1.61 14.00
C LEU A 87 15.11 -3.03 14.53
N ARG A 88 16.34 -3.58 14.42
CA ARG A 88 16.65 -4.96 14.89
C ARG A 88 15.81 -6.01 14.18
N ILE A 89 15.56 -5.77 12.90
CA ILE A 89 14.79 -6.68 12.06
C ILE A 89 15.77 -7.48 11.22
N SER A 90 15.64 -8.80 11.28
CA SER A 90 16.47 -9.71 10.47
C SER A 90 16.22 -9.50 8.97
N PRO A 91 17.27 -9.43 8.17
CA PRO A 91 17.02 -9.23 6.74
C PRO A 91 16.16 -10.30 6.07
N ASP A 92 16.21 -11.54 6.56
CA ASP A 92 15.40 -12.61 5.96
C ASP A 92 13.91 -12.58 6.42
N ARG A 93 13.54 -11.53 7.15
CA ARG A 93 12.13 -11.27 7.53
C ARG A 93 11.67 -9.90 6.99
N VAL A 94 12.26 -9.50 5.87
CA VAL A 94 11.92 -8.30 5.15
C VAL A 94 11.56 -8.63 3.70
N TYR A 95 10.43 -8.11 3.26
CA TYR A 95 10.13 -8.05 1.84
C TYR A 95 10.07 -6.60 1.39
N ILE A 96 10.65 -6.32 0.22
CA ILE A 96 10.54 -5.02 -0.39
C ILE A 96 10.03 -5.18 -1.82
N ASN A 97 8.86 -4.61 -2.10
CA ASN A 97 8.38 -4.60 -3.46
C ASN A 97 8.84 -3.32 -4.18
N TYR A 98 9.44 -3.50 -5.35
CA TYR A 98 9.95 -2.39 -6.17
C TYR A 98 9.01 -2.12 -7.34
N TYR A 99 8.70 -0.84 -7.59
CA TYR A 99 7.80 -0.43 -8.66
C TYR A 99 8.43 0.65 -9.51
N ASP A 100 8.61 0.35 -10.80
CA ASP A 100 9.09 1.33 -11.77
C ASP A 100 7.86 2.00 -12.36
N MET A 101 7.62 3.22 -11.92
CA MET A 101 6.40 3.94 -12.26
C MET A 101 6.64 4.75 -13.51
N ASN A 102 5.66 4.74 -14.42
CA ASN A 102 5.67 5.63 -15.58
C ASN A 102 5.44 7.04 -15.05
N ALA A 103 6.17 8.03 -15.57
CA ALA A 103 6.01 9.41 -15.11
C ALA A 103 4.55 9.89 -15.23
N ALA A 104 3.81 9.38 -16.21
CA ALA A 104 2.40 9.78 -16.40
C ALA A 104 1.45 9.23 -15.33
N ASN A 105 1.97 8.30 -14.54
CA ASN A 105 1.19 7.61 -13.50
C ASN A 105 1.69 8.05 -12.12
N VAL A 106 2.40 9.19 -12.04
CA VAL A 106 2.76 9.77 -10.74
C VAL A 106 2.23 11.22 -10.69
N GLY A 107 1.27 11.44 -9.81
CA GLY A 107 0.69 12.77 -9.60
C GLY A 107 1.51 13.53 -8.57
N TRP A 108 1.64 14.85 -8.79
CA TRP A 108 2.36 15.72 -7.89
C TRP A 108 2.05 17.17 -8.29
N ASN A 109 1.77 18.03 -7.31
CA ASN A 109 1.62 19.47 -7.58
C ASN A 109 0.58 19.76 -8.71
N ASN A 110 -0.60 19.18 -8.54
CA ASN A 110 -1.76 19.40 -9.43
C ASN A 110 -1.63 18.85 -10.84
N SER A 111 -0.55 18.13 -11.11
CA SER A 111 -0.34 17.53 -12.41
C SER A 111 0.37 16.18 -12.23
N THR A 112 1.09 15.73 -13.25
CA THR A 112 1.91 14.52 -13.12
C THR A 112 3.29 14.85 -13.62
N PHE A 113 4.18 13.89 -13.56
CA PHE A 113 5.56 14.06 -14.01
C PHE A 113 5.83 13.85 -15.51
N ALA A 114 4.81 13.51 -16.28
CA ALA A 114 4.97 13.29 -17.73
C ALA A 114 5.27 14.61 -18.40
N PRO B 1 4.86 -14.89 -0.88
CA PRO B 1 3.71 -14.04 -1.15
C PRO B 1 3.41 -13.13 0.02
N MET B 2 2.72 -12.04 -0.25
CA MET B 2 2.37 -11.08 0.78
C MET B 2 0.90 -10.71 0.62
N PHE B 3 0.14 -10.82 1.70
CA PHE B 3 -1.28 -10.45 1.71
C PHE B 3 -1.52 -9.37 2.78
N ILE B 4 -2.17 -8.28 2.37
CA ILE B 4 -2.48 -7.14 3.25
C ILE B 4 -3.98 -6.92 3.22
N VAL B 5 -4.61 -6.83 4.39
CA VAL B 5 -6.03 -6.45 4.49
C VAL B 5 -6.14 -5.20 5.37
N ASN B 6 -6.75 -4.16 4.80
CA ASN B 6 -7.09 -2.93 5.49
C ASN B 6 -8.58 -2.90 5.66
N THR B 7 -9.06 -2.62 6.87
CA THR B 7 -10.50 -2.72 7.13
C THR B 7 -10.91 -1.74 8.20
N ASN B 8 -12.18 -1.35 8.13
CA ASN B 8 -12.78 -0.51 9.18
C ASN B 8 -13.30 -1.34 10.34
N VAL B 9 -13.26 -2.65 10.22
CA VAL B 9 -13.63 -3.50 11.36
C VAL B 9 -12.66 -3.22 12.51
N PRO B 10 -13.20 -3.08 13.74
CA PRO B 10 -12.32 -2.77 14.89
C PRO B 10 -11.45 -3.95 15.33
N ARG B 11 -10.31 -3.62 15.95
CA ARG B 11 -9.29 -4.61 16.31
C ARG B 11 -9.89 -5.73 17.11
N ALA B 12 -10.78 -5.38 18.04
CA ALA B 12 -11.40 -6.38 18.92
C ALA B 12 -12.28 -7.36 18.19
N SER B 13 -12.74 -7.02 16.98
CA SER B 13 -13.49 -7.99 16.18
C SER B 13 -12.63 -8.91 15.29
N VAL B 14 -11.31 -8.72 15.30
CA VAL B 14 -10.40 -9.63 14.61
C VAL B 14 -10.12 -10.82 15.55
N PRO B 15 -10.55 -12.03 15.15
CA PRO B 15 -10.40 -13.13 16.11
C PRO B 15 -8.96 -13.62 16.26
N ASP B 16 -8.66 -14.14 17.44
CA ASP B 16 -7.39 -14.80 17.65
C ASP B 16 -7.25 -15.89 16.60
N GLY B 17 -6.05 -16.02 16.07
CA GLY B 17 -5.72 -17.03 15.08
C GLY B 17 -5.78 -16.58 13.64
N PHE B 18 -6.23 -15.35 13.43
CA PHE B 18 -6.51 -14.84 12.09
C PHE B 18 -5.28 -14.77 11.22
N LEU B 19 -4.17 -14.24 11.73
CA LEU B 19 -2.96 -14.19 10.89
C LEU B 19 -2.43 -15.58 10.54
N SER B 20 -2.47 -16.50 11.49
CA SER B 20 -2.03 -17.87 11.22
CA SER B 20 -2.02 -17.87 11.21
C SER B 20 -2.93 -18.54 10.19
N GLU B 21 -4.23 -18.30 10.28
CA GLU B 21 -5.17 -18.89 9.32
C GLU B 21 -4.89 -18.37 7.93
N LEU B 22 -4.70 -17.06 7.80
CA LEU B 22 -4.34 -16.48 6.49
C LEU B 22 -3.05 -17.08 5.96
N THR B 23 -2.05 -17.20 6.84
CA THR B 23 -0.76 -17.77 6.49
C THR B 23 -0.93 -19.17 5.91
N GLN B 24 -1.68 -20.02 6.64
CA GLN B 24 -1.82 -21.43 6.26
C GLN B 24 -2.64 -21.62 5.01
N GLN B 25 -3.75 -20.88 4.93
CA GLN B 25 -4.64 -21.00 3.77
C GLN B 25 -4.00 -20.45 2.47
N LEU B 26 -3.24 -19.36 2.59
CA LEU B 26 -2.51 -18.80 1.45
C LEU B 26 -1.36 -19.68 0.99
N ALA B 27 -0.64 -20.30 1.94
CA ALA B 27 0.34 -21.31 1.61
C ALA B 27 -0.31 -22.42 0.78
N GLN B 28 -1.43 -22.94 1.22
CA GLN B 28 -2.10 -24.02 0.48
C GLN B 28 -2.59 -23.55 -0.89
N ALA B 29 -3.17 -22.36 -0.96
CA ALA B 29 -3.75 -21.85 -2.21
C ALA B 29 -2.71 -21.57 -3.29
N THR B 30 -1.57 -21.04 -2.88
CA THR B 30 -0.51 -20.64 -3.79
C THR B 30 0.46 -21.78 -4.08
N GLY B 31 0.37 -22.86 -3.31
CA GLY B 31 1.27 -24.01 -3.45
C GLY B 31 2.69 -23.67 -3.05
N LYS B 32 2.83 -22.74 -2.11
CA LYS B 32 4.14 -22.28 -1.63
C LYS B 32 4.28 -22.58 -0.15
N PRO B 33 5.52 -22.86 0.31
CA PRO B 33 5.71 -23.16 1.73
C PRO B 33 5.31 -21.97 2.61
N PRO B 34 4.72 -22.26 3.76
CA PRO B 34 4.28 -21.14 4.59
C PRO B 34 5.40 -20.24 5.07
N GLN B 35 6.66 -20.70 5.07
CA GLN B 35 7.78 -19.86 5.45
C GLN B 35 7.87 -18.61 4.57
N TYR B 36 7.34 -18.71 3.37
CA TYR B 36 7.38 -17.62 2.39
C TYR B 36 6.22 -16.65 2.48
N ILE B 37 5.20 -16.96 3.28
CA ILE B 37 3.96 -16.17 3.29
C ILE B 37 4.03 -15.10 4.39
N ALA B 38 3.85 -13.86 3.99
CA ALA B 38 3.71 -12.74 4.94
C ALA B 38 2.28 -12.23 4.90
N VAL B 39 1.75 -11.90 6.08
CA VAL B 39 0.37 -11.42 6.21
CA VAL B 39 0.37 -11.45 6.24
C VAL B 39 0.34 -10.19 7.11
N HIS B 40 -0.60 -9.29 6.83
CA HIS B 40 -0.67 -7.99 7.50
C HIS B 40 -2.15 -7.58 7.56
N VAL B 41 -2.66 -7.35 8.77
CA VAL B 41 -4.06 -6.92 8.98
C VAL B 41 -4.06 -5.56 9.70
N VAL B 42 -4.84 -4.62 9.16
CA VAL B 42 -4.85 -3.25 9.63
C VAL B 42 -6.31 -2.89 9.90
N PRO B 43 -6.75 -3.07 11.16
CA PRO B 43 -8.13 -2.77 11.52
C PRO B 43 -8.30 -1.32 11.87
N ASP B 44 -9.53 -0.97 12.21
CA ASP B 44 -9.86 0.35 12.72
C ASP B 44 -9.65 1.48 11.71
N GLN B 45 -9.68 1.18 10.42
CA GLN B 45 -9.39 2.20 9.41
C GLN B 45 -10.59 3.08 9.10
N LEU B 46 -10.28 4.32 8.72
CA LEU B 46 -11.27 5.29 8.24
C LEU B 46 -11.44 5.06 6.74
N MET B 47 -12.47 4.32 6.38
CA MET B 47 -12.69 4.01 4.99
C MET B 47 -14.18 3.84 4.72
N ALA B 48 -14.51 3.98 3.45
CA ALA B 48 -15.87 3.79 2.96
C ALA B 48 -15.82 3.02 1.66
N PHE B 49 -16.87 2.25 1.41
CA PHE B 49 -16.97 1.46 0.19
C PHE B 49 -18.37 1.76 -0.35
N GLY B 50 -18.45 2.33 -1.54
CA GLY B 50 -19.75 2.79 -2.07
C GLY B 50 -20.35 3.94 -1.26
N GLY B 51 -19.51 4.71 -0.59
CA GLY B 51 -19.99 5.79 0.26
C GLY B 51 -20.57 5.35 1.59
N SER B 52 -20.53 4.04 1.88
CA SER B 52 -21.04 3.48 3.13
C SER B 52 -19.89 3.10 4.06
N SER B 53 -20.13 3.23 5.36
CA SER B 53 -19.18 2.88 6.41
C SER B 53 -19.46 1.50 7.01
N GLU B 54 -20.36 0.72 6.39
CA GLU B 54 -20.51 -0.69 6.73
C GLU B 54 -19.16 -1.42 6.57
N PRO B 55 -18.98 -2.54 7.28
CA PRO B 55 -17.69 -3.23 7.20
C PRO B 55 -17.26 -3.45 5.75
N CYS B 56 -16.00 -3.17 5.47
CA CYS B 56 -15.47 -3.37 4.14
C CYS B 56 -13.96 -3.63 4.26
N ALA B 57 -13.35 -4.06 3.17
CA ALA B 57 -11.90 -4.31 3.19
C ALA B 57 -11.28 -4.02 1.84
N LEU B 58 -10.07 -3.46 1.89
CA LEU B 58 -9.26 -3.17 0.73
C LEU B 58 -7.98 -3.94 0.95
N CYS B 59 -7.67 -4.86 0.03
CA CYS B 59 -6.60 -5.82 0.25
C CYS B 59 -5.69 -5.91 -0.97
N SER B 60 -4.53 -6.53 -0.77
CA SER B 60 -3.66 -6.81 -1.89
C SER B 60 -2.98 -8.15 -1.66
N LEU B 61 -2.80 -8.88 -2.75
CA LEU B 61 -1.99 -10.08 -2.74
C LEU B 61 -0.88 -9.92 -3.79
N HIS B 62 0.37 -9.97 -3.34
CA HIS B 62 1.54 -9.95 -4.22
C HIS B 62 2.18 -11.33 -4.21
N SER B 63 2.54 -11.83 -5.38
CA SER B 63 3.21 -13.14 -5.50
C SER B 63 4.10 -13.14 -6.73
N ILE B 64 5.23 -13.84 -6.65
CA ILE B 64 6.07 -14.03 -7.82
C ILE B 64 5.52 -15.20 -8.61
N GLY B 65 4.66 -14.89 -9.57
CA GLY B 65 3.90 -15.91 -10.29
C GLY B 65 2.71 -16.41 -9.50
N LYS B 66 2.05 -17.45 -10.00
CA LYS B 66 0.82 -17.99 -9.41
C LYS B 66 -0.30 -16.93 -9.33
N ILE B 67 -0.29 -15.99 -10.27
CA ILE B 67 -1.28 -14.95 -10.44
C ILE B 67 -1.83 -15.00 -11.85
N GLY B 68 -3.15 -15.06 -11.96
CA GLY B 68 -3.78 -15.08 -13.29
C GLY B 68 -5.26 -15.27 -13.16
N GLY B 69 -5.95 -15.31 -14.29
CA GLY B 69 -7.41 -15.31 -14.27
C GLY B 69 -8.10 -16.28 -13.32
N ALA B 70 -7.85 -17.57 -13.52
CA ALA B 70 -8.55 -18.60 -12.77
C ALA B 70 -8.01 -18.67 -11.35
N GLN B 71 -6.70 -18.55 -11.22
CA GLN B 71 -6.10 -18.52 -9.89
C GLN B 71 -6.65 -17.39 -9.03
N ASN B 72 -6.71 -16.18 -9.59
CA ASN B 72 -7.23 -15.03 -8.88
C ASN B 72 -8.73 -15.19 -8.50
N ARG B 73 -9.49 -15.87 -9.35
CA ARG B 73 -10.87 -16.17 -8.97
C ARG B 73 -10.88 -17.06 -7.76
N SER B 74 -10.00 -18.07 -7.74
CA SER B 74 -9.95 -18.99 -6.63
C SER B 74 -9.49 -18.31 -5.34
N TYR B 75 -8.45 -17.48 -5.44
CA TYR B 75 -7.97 -16.69 -4.32
C TYR B 75 -9.06 -15.79 -3.74
N SER B 76 -9.84 -15.20 -4.63
CA SER B 76 -10.90 -14.29 -4.21
C SER B 76 -12.02 -15.01 -3.45
N LYS B 77 -12.39 -16.19 -3.91
CA LYS B 77 -13.41 -16.98 -3.21
C LYS B 77 -12.89 -17.37 -1.82
N LEU B 78 -11.64 -17.83 -1.76
CA LEU B 78 -10.98 -18.15 -0.49
C LEU B 78 -10.98 -16.97 0.48
N LEU B 79 -10.47 -15.83 0.02
CA LEU B 79 -10.21 -14.68 0.87
C LEU B 79 -11.49 -13.93 1.25
N CYS B 80 -12.42 -13.76 0.30
CA CYS B 80 -13.75 -13.24 0.66
C CYS B 80 -14.46 -14.13 1.67
N GLY B 81 -14.36 -15.44 1.50
CA GLY B 81 -14.96 -16.40 2.44
C GLY B 81 -14.39 -16.20 3.84
N LEU B 82 -13.07 -16.05 3.94
CA LEU B 82 -12.41 -15.80 5.24
C LEU B 82 -12.82 -14.47 5.85
N LEU B 83 -12.84 -13.39 5.06
CA LEU B 83 -13.25 -12.08 5.57
C LEU B 83 -14.72 -12.07 6.02
N ALA B 84 -15.57 -12.81 5.32
CA ALA B 84 -16.99 -12.91 5.69
C ALA B 84 -17.15 -13.70 6.99
N GLU B 85 -16.60 -14.90 7.04
CA GLU B 85 -16.70 -15.74 8.24
C GLU B 85 -16.04 -15.09 9.47
N ARG B 86 -14.83 -14.56 9.31
CA ARG B 86 -14.04 -14.08 10.46
C ARG B 86 -14.28 -12.64 10.83
N LEU B 87 -14.44 -11.75 9.85
CA LEU B 87 -14.63 -10.34 10.13
C LEU B 87 -16.04 -9.80 9.85
N ARG B 88 -16.91 -10.66 9.35
CA ARG B 88 -18.30 -10.29 9.03
C ARG B 88 -18.37 -9.20 7.97
N ILE B 89 -17.49 -9.30 6.98
CA ILE B 89 -17.47 -8.38 5.85
C ILE B 89 -18.11 -9.08 4.68
N SER B 90 -19.13 -8.44 4.12
CA SER B 90 -19.78 -8.92 2.92
C SER B 90 -18.78 -8.97 1.73
N PRO B 91 -18.79 -10.08 0.96
CA PRO B 91 -17.85 -10.22 -0.16
C PRO B 91 -17.90 -9.13 -1.19
N ASP B 92 -19.08 -8.51 -1.36
CA ASP B 92 -19.22 -7.45 -2.33
C ASP B 92 -18.81 -6.08 -1.78
N ARG B 93 -18.24 -6.08 -0.57
CA ARG B 93 -17.60 -4.90 0.03
C ARG B 93 -16.08 -5.15 0.24
N VAL B 94 -15.51 -5.99 -0.62
CA VAL B 94 -14.07 -6.32 -0.57
C VAL B 94 -13.47 -6.08 -1.95
N TYR B 95 -12.35 -5.35 -2.01
CA TYR B 95 -11.48 -5.34 -3.20
C TYR B 95 -10.15 -5.97 -2.83
N ILE B 96 -9.65 -6.84 -3.69
CA ILE B 96 -8.34 -7.42 -3.56
C ILE B 96 -7.61 -7.11 -4.84
N ASN B 97 -6.54 -6.34 -4.75
CA ASN B 97 -5.67 -6.13 -5.90
C ASN B 97 -4.60 -7.20 -5.97
N TYR B 98 -4.48 -7.85 -7.11
CA TYR B 98 -3.48 -8.91 -7.32
C TYR B 98 -2.30 -8.35 -8.12
N TYR B 99 -1.09 -8.70 -7.67
CA TYR B 99 0.14 -8.28 -8.34
C TYR B 99 1.04 -9.46 -8.62
N ASP B 100 1.39 -9.63 -9.88
CA ASP B 100 2.30 -10.66 -10.30
C ASP B 100 3.67 -10.02 -10.35
N MET B 101 4.44 -10.21 -9.29
CA MET B 101 5.73 -9.54 -9.16
C MET B 101 6.84 -10.26 -9.93
N ASN B 102 7.70 -9.48 -10.58
N ASN B 102 7.70 -9.48 -10.58
CA ASN B 102 8.88 -10.04 -11.21
CA ASN B 102 8.92 -10.04 -11.17
C ASN B 102 9.93 -10.27 -10.12
C ASN B 102 9.89 -10.31 -10.05
N ALA B 103 10.59 -11.43 -10.15
CA ALA B 103 11.58 -11.78 -9.12
C ALA B 103 12.63 -10.67 -8.86
N ALA B 104 13.01 -9.94 -9.91
CA ALA B 104 13.99 -8.84 -9.79
C ALA B 104 13.45 -7.68 -8.97
N ASN B 105 12.13 -7.60 -8.86
CA ASN B 105 11.45 -6.51 -8.21
C ASN B 105 10.97 -6.87 -6.82
N VAL B 106 11.47 -7.96 -6.27
CA VAL B 106 11.21 -8.29 -4.85
C VAL B 106 12.50 -8.44 -4.10
N GLY B 107 12.71 -7.53 -3.16
CA GLY B 107 13.83 -7.59 -2.21
C GLY B 107 13.56 -8.47 -0.99
N TRP B 108 14.60 -9.13 -0.53
CA TRP B 108 14.53 -10.03 0.62
C TRP B 108 15.97 -10.38 1.01
N ASN B 109 16.26 -10.42 2.30
CA ASN B 109 17.56 -10.94 2.79
C ASN B 109 18.77 -10.32 2.06
N ASN B 110 18.82 -8.99 2.00
CA ASN B 110 19.92 -8.21 1.42
C ASN B 110 20.06 -8.20 -0.11
N SER B 111 19.17 -8.88 -0.82
CA SER B 111 19.26 -9.00 -2.26
C SER B 111 17.84 -9.08 -2.82
N THR B 112 17.69 -9.66 -4.00
CA THR B 112 16.37 -9.90 -4.56
C THR B 112 16.25 -11.37 -4.89
N PHE B 113 15.07 -11.77 -5.39
CA PHE B 113 14.86 -13.13 -5.83
C PHE B 113 15.33 -13.41 -7.25
N ALA B 114 15.88 -12.41 -7.94
CA ALA B 114 16.31 -12.63 -9.35
C ALA B 114 17.42 -13.65 -9.44
N PRO C 1 -13.16 1.85 -8.43
CA PRO C 1 -11.88 2.49 -8.14
C PRO C 1 -11.63 2.61 -6.65
N MET C 2 -10.38 2.90 -6.30
CA MET C 2 -9.97 2.85 -4.92
C MET C 2 -8.96 3.95 -4.73
N PHE C 3 -9.27 4.85 -3.80
CA PHE C 3 -8.38 5.98 -3.48
C PHE C 3 -7.91 5.90 -2.04
N ILE C 4 -6.60 5.94 -1.84
CA ILE C 4 -6.04 5.85 -0.51
C ILE C 4 -5.17 7.08 -0.28
N VAL C 5 -5.36 7.74 0.84
CA VAL C 5 -4.45 8.83 1.21
C VAL C 5 -3.86 8.55 2.58
N ASN C 6 -2.53 8.53 2.63
CA ASN C 6 -1.80 8.47 3.88
C ASN C 6 -1.22 9.86 4.18
N THR C 7 -1.36 10.32 5.41
CA THR C 7 -0.89 11.66 5.74
C THR C 7 -0.51 11.79 7.20
N ASN C 8 0.38 12.74 7.44
CA ASN C 8 0.79 13.12 8.79
C ASN C 8 -0.17 14.13 9.43
N VAL C 9 -1.13 14.63 8.66
CA VAL C 9 -2.17 15.49 9.25
C VAL C 9 -2.95 14.73 10.34
N PRO C 10 -3.27 15.39 11.47
CA PRO C 10 -3.94 14.66 12.54
C PRO C 10 -5.42 14.30 12.24
N ARG C 11 -5.89 13.22 12.85
CA ARG C 11 -7.27 12.74 12.70
C ARG C 11 -8.31 13.88 12.86
N ALA C 12 -8.16 14.69 13.91
CA ALA C 12 -9.03 15.86 14.17
C ALA C 12 -9.16 16.87 13.03
N SER C 13 -8.15 16.96 12.17
CA SER C 13 -8.19 17.86 11.03
C SER C 13 -8.86 17.28 9.78
N VAL C 14 -9.22 16.00 9.79
CA VAL C 14 -9.99 15.42 8.69
C VAL C 14 -11.46 15.80 8.90
N PRO C 15 -12.01 16.62 7.99
CA PRO C 15 -13.40 17.08 8.12
C PRO C 15 -14.42 15.96 8.11
N ASP C 16 -15.47 16.09 8.91
CA ASP C 16 -16.67 15.27 8.75
C ASP C 16 -17.15 15.48 7.31
N GLY C 17 -17.49 14.41 6.62
CA GLY C 17 -17.93 14.46 5.21
C GLY C 17 -16.81 14.29 4.19
N PHE C 18 -15.56 14.14 4.66
CA PHE C 18 -14.45 14.02 3.75
C PHE C 18 -14.51 12.74 2.90
N LEU C 19 -14.79 11.61 3.53
CA LEU C 19 -14.90 10.33 2.77
C LEU C 19 -16.04 10.36 1.75
N SER C 20 -17.17 10.93 2.15
CA SER C 20 -18.31 11.11 1.22
C SER C 20 -17.97 12.03 0.07
N GLU C 21 -17.25 13.11 0.34
CA GLU C 21 -16.85 14.03 -0.71
C GLU C 21 -15.91 13.40 -1.70
N LEU C 22 -14.88 12.73 -1.18
CA LEU C 22 -14.02 11.95 -2.06
C LEU C 22 -14.81 10.96 -2.90
N THR C 23 -15.76 10.28 -2.29
CA THR C 23 -16.56 9.23 -3.02
C THR C 23 -17.30 9.86 -4.20
N GLN C 24 -17.99 10.96 -3.93
CA GLN C 24 -18.78 11.64 -4.95
C GLN C 24 -17.92 12.25 -6.06
N GLN C 25 -16.86 12.95 -5.69
CA GLN C 25 -15.96 13.57 -6.66
C GLN C 25 -15.26 12.52 -7.52
N LEU C 26 -14.93 11.39 -6.92
CA LEU C 26 -14.26 10.33 -7.67
C LEU C 26 -15.24 9.59 -8.59
N ALA C 27 -16.47 9.37 -8.11
CA ALA C 27 -17.51 8.80 -8.97
C ALA C 27 -17.63 9.65 -10.23
N GLN C 28 -17.76 10.97 -10.06
CA GLN C 28 -17.88 11.89 -11.19
C GLN C 28 -16.64 11.93 -12.06
N ALA C 29 -15.46 12.00 -11.46
CA ALA C 29 -14.21 12.09 -12.22
C ALA C 29 -13.89 10.84 -13.07
N THR C 30 -14.15 9.65 -12.52
CA THR C 30 -13.87 8.37 -13.22
C THR C 30 -15.04 7.93 -14.11
N GLY C 31 -16.20 8.53 -13.90
CA GLY C 31 -17.40 8.20 -14.65
C GLY C 31 -18.00 6.85 -14.25
N LYS C 32 -17.73 6.40 -13.02
CA LYS C 32 -18.23 5.13 -12.53
C LYS C 32 -19.25 5.34 -11.43
N PRO C 33 -20.12 4.35 -11.23
CA PRO C 33 -21.12 4.58 -10.22
C PRO C 33 -20.45 4.63 -8.85
N PRO C 34 -20.98 5.46 -7.94
CA PRO C 34 -20.41 5.58 -6.61
C PRO C 34 -20.36 4.29 -5.82
N GLN C 35 -21.25 3.35 -6.10
CA GLN C 35 -21.24 2.03 -5.46
C GLN C 35 -19.89 1.28 -5.58
N TYR C 36 -19.14 1.58 -6.62
CA TYR C 36 -17.84 0.95 -6.89
C TYR C 36 -16.63 1.77 -6.41
N ILE C 37 -16.88 2.89 -5.75
CA ILE C 37 -15.79 3.76 -5.32
C ILE C 37 -15.49 3.48 -3.85
N ALA C 38 -14.22 3.17 -3.58
CA ALA C 38 -13.76 2.95 -2.22
C ALA C 38 -12.73 4.02 -1.89
N VAL C 39 -12.80 4.53 -0.67
CA VAL C 39 -11.92 5.58 -0.20
C VAL C 39 -11.39 5.23 1.19
N HIS C 40 -10.14 5.62 1.44
CA HIS C 40 -9.42 5.23 2.65
C HIS C 40 -8.50 6.39 3.02
N VAL C 41 -8.67 6.93 4.21
CA VAL C 41 -7.85 8.02 4.72
C VAL C 41 -7.14 7.56 5.97
N VAL C 42 -5.81 7.73 6.01
CA VAL C 42 -4.94 7.27 7.10
C VAL C 42 -4.15 8.45 7.69
N PRO C 43 -4.69 9.08 8.74
CA PRO C 43 -4.03 10.24 9.30
C PRO C 43 -2.99 9.88 10.33
N ASP C 44 -2.33 10.89 10.88
CA ASP C 44 -1.42 10.70 12.02
C ASP C 44 -0.18 9.87 11.70
N GLN C 45 0.23 9.84 10.44
CA GLN C 45 1.32 9.00 10.03
C GLN C 45 2.68 9.64 10.28
N LEU C 46 3.67 8.79 10.51
N LEU C 46 3.66 8.79 10.54
CA LEU C 46 5.05 9.20 10.61
CA LEU C 46 5.06 9.18 10.60
C LEU C 46 5.64 9.20 9.21
C LEU C 46 5.62 9.18 9.19
N MET C 47 5.72 10.37 8.60
CA MET C 47 6.22 10.47 7.24
C MET C 47 6.94 11.78 7.01
N ALA C 48 7.73 11.79 5.94
CA ALA C 48 8.40 12.99 5.50
C ALA C 48 8.40 13.08 3.99
N PHE C 49 8.45 14.32 3.49
CA PHE C 49 8.52 14.61 2.07
C PHE C 49 9.64 15.60 1.88
N GLY C 50 10.64 15.24 1.08
CA GLY C 50 11.87 16.03 0.91
C GLY C 50 12.64 16.32 2.18
N GLY C 51 12.54 15.43 3.16
CA GLY C 51 13.22 15.58 4.45
C GLY C 51 12.46 16.45 5.46
N SER C 52 11.30 16.97 5.09
CA SER C 52 10.47 17.78 6.01
C SER C 52 9.23 17.01 6.44
N SER C 53 8.85 17.20 7.71
CA SER C 53 7.63 16.61 8.26
C SER C 53 6.47 17.63 8.32
N GLU C 54 6.53 18.69 7.52
CA GLU C 54 5.34 19.55 7.35
C GLU C 54 4.25 18.69 6.68
N PRO C 55 3.00 19.18 6.66
CA PRO C 55 1.96 18.33 6.08
C PRO C 55 2.25 17.83 4.68
N CYS C 56 2.04 16.53 4.49
CA CYS C 56 2.24 15.92 3.19
C CYS C 56 1.28 14.76 3.07
N ALA C 57 1.17 14.21 1.87
CA ALA C 57 0.26 13.08 1.65
C ALA C 57 0.85 12.16 0.63
N LEU C 58 0.73 10.86 0.90
CA LEU C 58 1.18 9.84 -0.05
C LEU C 58 -0.03 8.99 -0.39
N CYS C 59 -0.35 8.96 -1.68
CA CYS C 59 -1.65 8.48 -2.13
C CYS C 59 -1.59 7.52 -3.28
N SER C 60 -2.68 6.78 -3.47
N SER C 60 -2.70 6.80 -3.45
CA SER C 60 -2.83 5.95 -4.63
CA SER C 60 -2.89 5.88 -4.55
C SER C 60 -4.27 5.96 -5.13
C SER C 60 -4.29 6.02 -5.14
N LEU C 61 -4.41 5.88 -6.44
CA LEU C 61 -5.72 5.66 -7.11
C LEU C 61 -5.55 4.46 -8.02
N HIS C 62 -6.34 3.41 -7.75
CA HIS C 62 -6.42 2.22 -8.57
C HIS C 62 -7.76 2.26 -9.32
N SER C 63 -7.73 1.98 -10.61
CA SER C 63 -8.94 1.90 -11.41
C SER C 63 -8.75 0.85 -12.52
N ILE C 64 -9.82 0.17 -12.88
CA ILE C 64 -9.80 -0.68 -14.09
C ILE C 64 -10.15 0.22 -15.27
N GLY C 65 -9.13 0.67 -15.98
CA GLY C 65 -9.27 1.69 -17.02
C GLY C 65 -9.47 3.07 -16.42
N LYS C 66 -9.68 4.06 -17.30
CA LYS C 66 -9.87 5.45 -16.88
C LYS C 66 -8.60 5.99 -16.24
N ILE C 67 -7.46 5.47 -16.68
CA ILE C 67 -6.14 5.84 -16.19
C ILE C 67 -5.30 6.13 -17.42
N GLY C 68 -4.72 7.33 -17.49
CA GLY C 68 -3.92 7.70 -18.64
C GLY C 68 -3.34 9.09 -18.50
N GLY C 69 -2.58 9.53 -19.50
CA GLY C 69 -1.84 10.80 -19.42
C GLY C 69 -2.70 12.00 -19.02
N ALA C 70 -3.68 12.35 -19.85
CA ALA C 70 -4.55 13.49 -19.57
C ALA C 70 -5.47 13.28 -18.35
N GLN C 71 -5.99 12.07 -18.21
CA GLN C 71 -6.94 11.78 -17.13
C GLN C 71 -6.25 11.90 -15.77
N ASN C 72 -5.00 11.45 -15.73
CA ASN C 72 -4.24 11.46 -14.49
C ASN C 72 -3.89 12.89 -14.10
N ARG C 73 -3.57 13.71 -15.10
CA ARG C 73 -3.39 15.15 -14.84
C ARG C 73 -4.64 15.78 -14.22
N SER C 74 -5.81 15.39 -14.72
CA SER C 74 -7.09 15.89 -14.22
CA SER C 74 -7.08 15.89 -14.23
C SER C 74 -7.37 15.39 -12.80
N TYR C 75 -7.10 14.10 -12.56
CA TYR C 75 -7.30 13.52 -11.21
C TYR C 75 -6.40 14.25 -10.21
N SER C 76 -5.17 14.53 -10.62
CA SER C 76 -4.18 15.17 -9.76
C SER C 76 -4.60 16.61 -9.39
N LYS C 77 -5.11 17.37 -10.35
CA LYS C 77 -5.68 18.70 -10.05
C LYS C 77 -6.84 18.59 -9.06
N LEU C 78 -7.75 17.68 -9.31
CA LEU C 78 -8.90 17.45 -8.46
C LEU C 78 -8.52 17.07 -7.01
N LEU C 79 -7.64 16.07 -6.91
CA LEU C 79 -7.31 15.45 -5.61
C LEU C 79 -6.37 16.34 -4.79
N CYS C 80 -5.38 16.93 -5.45
CA CYS C 80 -4.55 17.94 -4.77
C CYS C 80 -5.41 19.10 -4.31
N GLY C 81 -6.41 19.47 -5.10
CA GLY C 81 -7.30 20.60 -4.71
C GLY C 81 -8.05 20.28 -3.44
N LEU C 82 -8.56 19.06 -3.38
CA LEU C 82 -9.28 18.59 -2.22
C LEU C 82 -8.38 18.47 -0.99
N LEU C 83 -7.16 17.96 -1.17
CA LEU C 83 -6.24 17.83 -0.04
C LEU C 83 -5.84 19.22 0.49
N ALA C 84 -5.60 20.16 -0.40
CA ALA C 84 -5.28 21.54 -0.02
C ALA C 84 -6.43 22.21 0.74
N GLU C 85 -7.63 22.09 0.20
CA GLU C 85 -8.81 22.72 0.76
C GLU C 85 -9.21 22.11 2.08
N ARG C 86 -9.30 20.77 2.11
CA ARG C 86 -9.86 20.09 3.26
C ARG C 86 -8.83 19.74 4.33
N LEU C 87 -7.59 19.44 3.93
CA LEU C 87 -6.54 19.02 4.89
C LEU C 87 -5.35 19.99 5.01
N ARG C 88 -5.33 21.02 4.18
CA ARG C 88 -4.34 22.10 4.25
C ARG C 88 -2.96 21.59 3.90
N ILE C 89 -2.92 20.66 2.93
CA ILE C 89 -1.69 20.10 2.44
C ILE C 89 -1.41 20.76 1.14
N SER C 90 -0.19 21.27 1.03
CA SER C 90 0.27 21.91 -0.16
C SER C 90 0.40 20.89 -1.27
N PRO C 91 -0.11 21.22 -2.49
CA PRO C 91 -0.06 20.33 -3.64
C PRO C 91 1.32 19.81 -4.01
N ASP C 92 2.35 20.60 -3.76
CA ASP C 92 3.72 20.18 -4.03
C ASP C 92 4.33 19.28 -2.92
N ARG C 93 3.51 18.91 -1.94
CA ARG C 93 3.87 17.90 -0.94
C ARG C 93 2.87 16.70 -1.01
N VAL C 94 2.32 16.48 -2.20
CA VAL C 94 1.45 15.34 -2.48
C VAL C 94 2.04 14.46 -3.58
N TYR C 95 2.11 13.15 -3.31
CA TYR C 95 2.35 12.17 -4.35
C TYR C 95 1.12 11.26 -4.53
N ILE C 96 0.77 10.97 -5.79
CA ILE C 96 -0.30 10.01 -6.11
C ILE C 96 0.23 9.00 -7.11
N ASN C 97 0.23 7.73 -6.74
CA ASN C 97 0.53 6.64 -7.66
C ASN C 97 -0.76 6.18 -8.34
N TYR C 98 -0.78 6.15 -9.66
CA TYR C 98 -1.92 5.74 -10.42
C TYR C 98 -1.64 4.34 -10.95
N TYR C 99 -2.65 3.47 -10.84
CA TYR C 99 -2.55 2.09 -11.29
C TYR C 99 -3.75 1.78 -12.15
N ASP C 100 -3.48 1.43 -13.39
CA ASP C 100 -4.48 0.90 -14.34
C ASP C 100 -4.54 -0.63 -14.13
N MET C 101 -5.52 -1.09 -13.38
CA MET C 101 -5.64 -2.49 -13.05
C MET C 101 -6.32 -3.33 -14.15
N ASN C 102 -5.75 -4.49 -14.46
CA ASN C 102 -6.50 -5.43 -15.29
C ASN C 102 -7.65 -6.01 -14.49
N ALA C 103 -8.80 -6.15 -15.15
CA ALA C 103 -9.98 -6.69 -14.50
C ALA C 103 -9.76 -8.06 -13.87
N ALA C 104 -8.91 -8.87 -14.48
CA ALA C 104 -8.62 -10.22 -13.96
C ALA C 104 -7.79 -10.20 -12.69
N ASN C 105 -7.21 -9.04 -12.39
CA ASN C 105 -6.33 -8.83 -11.24
C ASN C 105 -7.02 -8.00 -10.16
N VAL C 106 -8.35 -7.90 -10.20
CA VAL C 106 -9.10 -7.30 -9.13
C VAL C 106 -10.14 -8.26 -8.63
N GLY C 107 -9.97 -8.69 -7.39
CA GLY C 107 -10.93 -9.52 -6.70
C GLY C 107 -12.08 -8.72 -6.10
N TRP C 108 -13.29 -9.25 -6.21
CA TRP C 108 -14.48 -8.65 -5.64
C TRP C 108 -15.56 -9.72 -5.62
N ASN C 109 -16.38 -9.73 -4.57
CA ASN C 109 -17.57 -10.58 -4.49
C ASN C 109 -17.30 -12.05 -4.85
N ASN C 110 -16.27 -12.63 -4.20
CA ASN C 110 -15.87 -14.03 -4.38
C ASN C 110 -15.28 -14.42 -5.72
N SER C 111 -15.02 -13.43 -6.56
CA SER C 111 -14.51 -13.68 -7.91
C SER C 111 -13.63 -12.49 -8.30
N THR C 112 -13.42 -12.27 -9.60
CA THR C 112 -12.76 -11.04 -10.06
C THR C 112 -13.71 -10.31 -11.00
N PHE C 113 -13.27 -9.17 -11.48
CA PHE C 113 -14.00 -8.42 -12.49
C PHE C 113 -13.80 -8.91 -13.94
N ALA C 114 -12.98 -9.92 -14.19
CA ALA C 114 -12.82 -10.47 -15.55
C ALA C 114 -14.15 -10.91 -16.17
#